data_7CO1
#
_entry.id   7CO1
#
_cell.length_a   68.922
_cell.length_b   70.395
_cell.length_c   163.954
_cell.angle_alpha   90.000
_cell.angle_beta   90.000
_cell.angle_gamma   90.000
#
_symmetry.space_group_name_H-M   'P 21 21 21'
#
loop_
_entity.id
_entity.type
_entity.pdbx_description
1 polymer 'Mothers against decapentaplegic homolog 2'
2 polymer 'CREB-binding protein'
#
loop_
_entity_poly.entity_id
_entity_poly.type
_entity_poly.pdbx_seq_one_letter_code
_entity_poly.pdbx_strand_id
1 'polypeptide(L)'
;GPDLQPVTYSEPAFWCSIAYYELNQRVGETFHASQPSLTVDGFTDPSNSERFCLGLLSNVNRNATVEMTRRHIGRGVRLY
YIGGEVFAECLSDSAIFVQSPNCNQRYGWHPATVCKIPPGCNLKIFNNQEFAALLAQSVNQGFEAVYQLTRMCTIRMSFV
KGWGAEYRRQTVTSTPCWIELHLNGPLQWLDKVLTQMGSPSVRCSEME
;
A,C,E
2 'polypeptide(L)' GPPPAAVEAARQIEREAQQQQHLYSDED B,D,F
#
# COMPACT_ATOMS: atom_id res chain seq x y z
N PRO A 6 12.98 28.17 -4.06
CA PRO A 6 14.07 27.18 -4.12
C PRO A 6 13.59 25.85 -4.69
N VAL A 7 14.21 25.39 -5.78
CA VAL A 7 13.83 24.12 -6.41
C VAL A 7 15.04 23.19 -6.36
N THR A 8 14.82 21.95 -5.92
CA THR A 8 15.85 20.92 -5.89
C THR A 8 15.32 19.63 -6.49
N TYR A 9 16.17 18.93 -7.24
CA TYR A 9 15.81 17.69 -7.91
C TYR A 9 16.87 16.62 -7.66
N SER A 10 16.42 15.36 -7.58
CA SER A 10 17.31 14.24 -7.37
C SER A 10 16.93 13.10 -8.30
N GLU A 11 17.93 12.40 -8.82
CA GLU A 11 17.70 11.24 -9.67
C GLU A 11 17.03 10.12 -8.89
N PRO A 12 15.93 9.55 -9.39
CA PRO A 12 15.23 8.50 -8.65
C PRO A 12 16.06 7.23 -8.48
N ALA A 13 15.93 6.62 -7.31
CA ALA A 13 16.60 5.35 -7.05
C ALA A 13 16.00 4.23 -7.90
N PHE A 14 14.67 4.18 -7.98
CA PHE A 14 13.96 3.18 -8.75
C PHE A 14 13.47 3.82 -10.05
N TRP A 15 13.80 3.20 -11.18
CA TRP A 15 13.43 3.77 -12.48
C TRP A 15 11.97 3.57 -12.83
N CYS A 16 11.23 2.75 -12.08
CA CYS A 16 9.82 2.53 -12.38
C CYS A 16 9.16 1.85 -11.18
N SER A 17 7.83 1.95 -11.14
CA SER A 17 7.02 1.30 -10.12
C SER A 17 5.85 0.61 -10.80
N ILE A 18 5.57 -0.62 -10.37
CA ILE A 18 4.51 -1.43 -10.98
C ILE A 18 3.44 -1.70 -9.94
N ALA A 19 2.18 -1.51 -10.33
CA ALA A 19 1.03 -1.77 -9.48
C ALA A 19 0.19 -2.85 -10.12
N TYR A 20 -0.08 -3.92 -9.37
CA TYR A 20 -0.86 -5.04 -9.87
C TYR A 20 -2.34 -4.81 -9.62
N TYR A 21 -3.16 -5.20 -10.58
CA TYR A 21 -4.60 -5.03 -10.51
C TYR A 21 -5.31 -6.31 -10.92
N GLU A 22 -6.45 -6.56 -10.28
CA GLU A 22 -7.36 -7.63 -10.68
C GLU A 22 -8.72 -6.99 -10.88
N LEU A 23 -9.22 -7.04 -12.12
CA LEU A 23 -10.44 -6.33 -12.54
C LEU A 23 -10.21 -4.85 -12.22
N ASN A 24 -11.04 -4.20 -11.39
CA ASN A 24 -10.87 -2.79 -11.09
C ASN A 24 -10.35 -2.54 -9.67
N GLN A 25 -9.68 -3.52 -9.07
CA GLN A 25 -9.25 -3.42 -7.68
C GLN A 25 -7.74 -3.59 -7.56
N ARG A 26 -7.13 -2.77 -6.72
CA ARG A 26 -5.72 -2.91 -6.41
C ARG A 26 -5.50 -4.15 -5.55
N VAL A 27 -4.49 -4.95 -5.91
CA VAL A 27 -4.13 -6.15 -5.18
C VAL A 27 -2.62 -6.08 -4.92
N GLY A 28 -2.23 -6.19 -3.65
CA GLY A 28 -0.84 -6.16 -3.30
C GLY A 28 -0.27 -4.75 -3.22
N GLU A 29 0.99 -4.69 -2.80
CA GLU A 29 1.70 -3.44 -2.67
C GLU A 29 2.30 -3.01 -4.01
N THR A 30 2.69 -1.74 -4.08
CA THR A 30 3.36 -1.23 -5.28
C THR A 30 4.82 -1.66 -5.27
N PHE A 31 5.29 -2.21 -6.38
CA PHE A 31 6.66 -2.70 -6.51
C PHE A 31 7.49 -1.69 -7.28
N HIS A 32 8.63 -1.31 -6.71
CA HIS A 32 9.54 -0.34 -7.30
C HIS A 32 10.79 -1.06 -7.80
N ALA A 33 11.03 -0.99 -9.10
CA ALA A 33 12.14 -1.70 -9.73
C ALA A 33 13.42 -0.87 -9.65
N SER A 34 14.46 -1.44 -9.05
CA SER A 34 15.76 -0.80 -8.93
C SER A 34 16.76 -1.24 -9.99
N GLN A 35 16.72 -2.51 -10.35
CA GLN A 35 17.62 -3.06 -11.35
C GLN A 35 17.11 -2.80 -12.77
N PRO A 36 18.01 -2.73 -13.75
CA PRO A 36 17.56 -2.46 -15.13
C PRO A 36 16.78 -3.60 -15.76
N SER A 37 16.69 -4.76 -15.11
CA SER A 37 15.95 -5.89 -15.65
C SER A 37 15.14 -6.52 -14.52
N LEU A 38 13.87 -6.83 -14.82
CA LEU A 38 13.00 -7.46 -13.85
C LEU A 38 11.94 -8.27 -14.59
N THR A 39 11.44 -9.30 -13.91
CA THR A 39 10.42 -10.18 -14.46
C THR A 39 9.18 -10.12 -13.58
N VAL A 40 8.01 -9.96 -14.20
CA VAL A 40 6.73 -9.96 -13.50
C VAL A 40 6.06 -11.29 -13.83
N ASP A 41 6.16 -12.24 -12.92
CA ASP A 41 5.62 -13.58 -13.12
C ASP A 41 4.48 -13.84 -12.14
N GLY A 42 3.86 -15.01 -12.29
CA GLY A 42 2.75 -15.40 -11.44
C GLY A 42 3.13 -16.45 -10.41
N PHE A 43 4.39 -16.45 -10.00
CA PHE A 43 4.91 -17.41 -9.05
C PHE A 43 4.87 -16.81 -7.63
N THR A 44 5.62 -17.40 -6.70
CA THR A 44 5.42 -17.13 -5.27
C THR A 44 6.72 -16.80 -4.54
N ASP A 45 7.72 -16.24 -5.21
CA ASP A 45 8.93 -15.84 -4.51
C ASP A 45 8.71 -14.49 -3.85
N PRO A 46 8.90 -14.36 -2.53
CA PRO A 46 8.61 -13.09 -1.86
C PRO A 46 9.80 -12.15 -1.74
N SER A 47 11.02 -12.67 -1.88
CA SER A 47 12.23 -11.90 -1.61
C SER A 47 13.16 -11.94 -2.82
N ASN A 48 12.67 -11.42 -3.95
CA ASN A 48 13.50 -11.23 -5.14
C ASN A 48 13.27 -9.82 -5.65
N SER A 49 14.31 -8.97 -5.54
CA SER A 49 14.23 -7.60 -6.02
C SER A 49 14.10 -7.48 -7.53
N GLU A 50 14.19 -8.60 -8.25
CA GLU A 50 14.06 -8.62 -9.70
C GLU A 50 12.82 -9.34 -10.18
N ARG A 51 12.00 -9.86 -9.27
CA ARG A 51 10.80 -10.61 -9.63
C ARG A 51 9.60 -10.03 -8.90
N PHE A 52 8.55 -9.71 -9.66
CA PHE A 52 7.26 -9.28 -9.09
C PHE A 52 6.34 -10.48 -9.17
N CYS A 53 6.43 -11.35 -8.16
CA CYS A 53 5.67 -12.59 -8.13
C CYS A 53 4.23 -12.28 -7.72
N LEU A 54 3.30 -12.49 -8.65
CA LEU A 54 1.89 -12.21 -8.42
C LEU A 54 1.13 -13.40 -7.85
N GLY A 55 1.67 -14.61 -7.98
CA GLY A 55 0.99 -15.81 -7.51
C GLY A 55 0.73 -15.83 -6.01
N LEU A 56 1.51 -15.08 -5.24
CA LEU A 56 1.33 -15.04 -3.78
C LEU A 56 0.33 -14.00 -3.33
N LEU A 57 0.03 -13.00 -4.16
CA LEU A 57 -0.98 -12.01 -3.80
C LEU A 57 -2.35 -12.66 -3.71
N SER A 58 -3.08 -12.35 -2.64
CA SER A 58 -4.40 -12.91 -2.39
C SER A 58 -5.46 -11.83 -2.53
N ASN A 59 -6.64 -12.25 -2.97
CA ASN A 59 -7.79 -11.35 -3.13
C ASN A 59 -9.03 -12.10 -2.67
N VAL A 60 -9.62 -11.67 -1.56
CA VAL A 60 -10.79 -12.34 -1.03
C VAL A 60 -11.96 -12.29 -2.00
N ASN A 61 -12.00 -11.26 -2.86
CA ASN A 61 -13.05 -11.12 -3.84
C ASN A 61 -12.65 -11.68 -5.20
N ARG A 62 -11.64 -12.53 -5.25
CA ARG A 62 -11.21 -13.14 -6.50
C ARG A 62 -12.21 -14.18 -6.95
N ASN A 63 -12.60 -14.11 -8.21
CA ASN A 63 -13.60 -15.01 -8.77
C ASN A 63 -12.91 -16.21 -9.45
N ALA A 64 -13.70 -17.02 -10.16
CA ALA A 64 -13.16 -18.18 -10.85
C ALA A 64 -12.29 -17.77 -12.04
N THR A 65 -12.82 -16.91 -12.91
CA THR A 65 -12.11 -16.57 -14.15
C THR A 65 -10.75 -15.93 -13.85
N VAL A 66 -10.67 -15.10 -12.81
CA VAL A 66 -9.37 -14.55 -12.44
C VAL A 66 -8.45 -15.66 -11.94
N GLU A 67 -8.98 -16.62 -11.17
CA GLU A 67 -8.16 -17.75 -10.71
C GLU A 67 -7.60 -18.54 -11.88
N MET A 68 -8.40 -18.76 -12.92
CA MET A 68 -7.89 -19.47 -14.09
C MET A 68 -6.88 -18.63 -14.85
N THR A 69 -7.13 -17.32 -14.96
CA THR A 69 -6.20 -16.45 -15.67
C THR A 69 -4.87 -16.33 -14.95
N ARG A 70 -4.89 -16.33 -13.61
CA ARG A 70 -3.64 -16.23 -12.86
C ARG A 70 -2.76 -17.47 -13.02
N ARG A 71 -3.32 -18.58 -13.50
CA ARG A 71 -2.55 -19.79 -13.70
C ARG A 71 -1.75 -19.78 -15.00
N HIS A 72 -2.13 -18.92 -15.96
CA HIS A 72 -1.47 -18.88 -17.26
C HIS A 72 -0.47 -17.75 -17.37
N ILE A 73 -0.20 -17.03 -16.28
CA ILE A 73 0.82 -15.99 -16.32
C ILE A 73 2.19 -16.61 -16.48
N GLY A 74 2.48 -17.67 -15.74
CA GLY A 74 3.74 -18.38 -15.90
C GLY A 74 4.91 -17.45 -15.66
N ARG A 75 5.86 -17.47 -16.60
CA ARG A 75 7.02 -16.59 -16.50
C ARG A 75 6.67 -15.13 -16.75
N GLY A 76 5.45 -14.84 -17.17
CA GLY A 76 5.01 -13.45 -17.26
C GLY A 76 5.74 -12.65 -18.30
N VAL A 77 6.13 -11.43 -17.93
CA VAL A 77 6.74 -10.46 -18.83
C VAL A 77 8.07 -10.02 -18.23
N ARG A 78 9.05 -9.79 -19.10
CA ARG A 78 10.37 -9.30 -18.72
C ARG A 78 10.54 -7.88 -19.21
N LEU A 79 10.91 -6.97 -18.31
CA LEU A 79 11.07 -5.55 -18.63
C LEU A 79 12.53 -5.17 -18.42
N TYR A 80 13.16 -4.64 -19.46
CA TYR A 80 14.51 -4.11 -19.35
C TYR A 80 14.55 -2.66 -19.84
N TYR A 81 15.44 -1.88 -19.22
CA TYR A 81 15.59 -0.44 -19.46
C TYR A 81 17.03 -0.19 -19.91
N ILE A 82 17.28 -0.37 -21.20
CA ILE A 82 18.61 -0.23 -21.77
C ILE A 82 18.72 1.16 -22.38
N GLY A 83 19.62 1.97 -21.82
CA GLY A 83 19.83 3.32 -22.29
C GLY A 83 18.69 4.26 -21.93
N GLY A 84 17.88 4.63 -22.92
CA GLY A 84 16.75 5.50 -22.68
C GLY A 84 15.49 4.94 -23.29
N GLU A 85 15.42 3.62 -23.41
CA GLU A 85 14.30 2.93 -24.04
C GLU A 85 13.86 1.78 -23.15
N VAL A 86 12.57 1.42 -23.25
CA VAL A 86 11.97 0.40 -22.42
C VAL A 86 11.36 -0.66 -23.31
N PHE A 87 11.61 -1.93 -22.98
CA PHE A 87 11.09 -3.05 -23.76
C PHE A 87 10.35 -4.01 -22.84
N ALA A 88 9.32 -4.67 -23.40
CA ALA A 88 8.58 -5.71 -22.73
C ALA A 88 8.68 -6.99 -23.56
N GLU A 89 9.12 -8.07 -22.91
CA GLU A 89 9.29 -9.37 -23.56
C GLU A 89 8.29 -10.34 -22.98
N CYS A 90 7.60 -11.09 -23.85
CA CYS A 90 6.55 -12.01 -23.41
C CYS A 90 7.18 -13.38 -23.13
N LEU A 91 7.51 -13.60 -21.85
CA LEU A 91 7.99 -14.90 -21.41
C LEU A 91 6.87 -15.88 -21.13
N SER A 92 5.63 -15.40 -21.02
CA SER A 92 4.50 -16.26 -20.73
C SER A 92 4.12 -17.10 -21.94
N ASP A 93 3.56 -18.29 -21.67
CA ASP A 93 3.02 -19.11 -22.74
C ASP A 93 1.70 -18.59 -23.27
N SER A 94 1.24 -17.45 -22.78
CA SER A 94 0.06 -16.77 -23.29
C SER A 94 0.45 -15.35 -23.65
N ALA A 95 -0.12 -14.83 -24.73
CA ALA A 95 0.24 -13.50 -25.20
C ALA A 95 -0.14 -12.45 -24.16
N ILE A 96 0.56 -11.32 -24.23
CA ILE A 96 0.28 -10.19 -23.36
C ILE A 96 -0.12 -9.01 -24.24
N PHE A 97 -0.93 -8.12 -23.68
CA PHE A 97 -1.49 -6.99 -24.40
C PHE A 97 -1.10 -5.71 -23.68
N VAL A 98 -0.38 -4.83 -24.38
CA VAL A 98 0.19 -3.62 -23.80
C VAL A 98 -0.47 -2.40 -24.42
N GLN A 99 -0.68 -1.37 -23.60
CA GLN A 99 -1.26 -0.09 -24.02
C GLN A 99 -0.30 1.00 -23.58
N SER A 100 0.62 1.37 -24.46
CA SER A 100 1.65 2.38 -24.16
C SER A 100 1.42 3.58 -25.06
N PRO A 101 0.98 4.72 -24.52
CA PRO A 101 0.77 5.90 -25.39
C PRO A 101 2.01 6.33 -26.16
N ASN A 102 3.19 6.27 -25.54
CA ASN A 102 4.41 6.63 -26.25
C ASN A 102 4.63 5.72 -27.46
N CYS A 103 4.32 4.44 -27.32
CA CYS A 103 4.45 3.52 -28.44
C CYS A 103 3.33 3.72 -29.45
N ASN A 104 2.09 3.87 -28.98
CA ASN A 104 0.97 4.10 -29.87
C ASN A 104 1.17 5.35 -30.71
N GLN A 105 1.62 6.45 -30.09
CA GLN A 105 1.87 7.68 -30.84
C GLN A 105 3.04 7.52 -31.81
N ARG A 106 4.06 6.75 -31.40
CA ARG A 106 5.23 6.54 -32.24
C ARG A 106 4.88 5.98 -33.61
N TYR A 107 3.76 5.24 -33.71
CA TYR A 107 3.36 4.60 -34.96
C TYR A 107 2.07 5.19 -35.54
N GLY A 108 1.57 6.29 -34.98
CA GLY A 108 0.38 6.92 -35.50
C GLY A 108 -0.88 6.12 -35.31
N TRP A 109 -1.03 5.49 -34.15
CA TRP A 109 -2.20 4.70 -33.81
C TRP A 109 -3.06 5.47 -32.81
N HIS A 110 -4.32 5.06 -32.70
CA HIS A 110 -5.22 5.69 -31.75
C HIS A 110 -4.66 5.56 -30.35
N PRO A 111 -4.86 6.56 -29.48
CA PRO A 111 -4.27 6.49 -28.13
C PRO A 111 -4.68 5.27 -27.33
N ALA A 112 -5.90 4.77 -27.52
CA ALA A 112 -6.38 3.59 -26.79
C ALA A 112 -5.92 2.28 -27.40
N THR A 113 -5.14 2.31 -28.47
CA THR A 113 -4.73 1.09 -29.17
C THR A 113 -3.99 0.13 -28.24
N VAL A 114 -4.29 -1.16 -28.38
CA VAL A 114 -3.73 -2.22 -27.56
C VAL A 114 -2.91 -3.13 -28.47
N CYS A 115 -1.63 -3.31 -28.14
CA CYS A 115 -0.73 -4.14 -28.93
C CYS A 115 -0.62 -5.52 -28.31
N LYS A 116 -0.69 -6.55 -29.16
CA LYS A 116 -0.56 -7.94 -28.71
C LYS A 116 0.88 -8.39 -28.87
N ILE A 117 1.46 -8.92 -27.80
CA ILE A 117 2.83 -9.41 -27.82
C ILE A 117 2.82 -10.94 -27.67
N PRO A 118 3.00 -11.69 -28.75
CA PRO A 118 3.01 -13.15 -28.65
C PRO A 118 4.18 -13.63 -27.81
N PRO A 119 4.13 -14.88 -27.31
CA PRO A 119 5.23 -15.41 -26.52
C PRO A 119 6.55 -15.38 -27.28
N GLY A 120 7.60 -14.94 -26.60
CA GLY A 120 8.93 -14.86 -27.17
C GLY A 120 9.26 -13.55 -27.85
N CYS A 121 8.25 -12.78 -28.27
CA CYS A 121 8.48 -11.52 -28.95
C CYS A 121 8.76 -10.41 -27.94
N ASN A 122 9.22 -9.27 -28.47
CA ASN A 122 9.50 -8.09 -27.65
C ASN A 122 9.02 -6.86 -28.40
N LEU A 123 9.08 -5.72 -27.71
CA LEU A 123 8.55 -4.49 -28.28
C LEU A 123 9.17 -3.30 -27.57
N LYS A 124 9.39 -2.22 -28.32
CA LYS A 124 9.92 -0.99 -27.75
C LYS A 124 8.78 -0.26 -27.05
N ILE A 125 8.67 -0.50 -25.75
CA ILE A 125 7.55 0.03 -24.99
C ILE A 125 7.65 1.55 -24.86
N PHE A 126 8.86 2.06 -24.62
CA PHE A 126 9.03 3.48 -24.36
C PHE A 126 10.34 3.98 -24.95
N ASN A 127 10.38 5.27 -25.24
CA ASN A 127 11.56 5.95 -25.76
C ASN A 127 11.66 7.32 -25.12
N ASN A 128 12.73 7.55 -24.37
CA ASN A 128 12.87 8.84 -23.66
C ASN A 128 12.94 10.01 -24.64
N GLN A 129 13.73 9.87 -25.70
CA GLN A 129 13.88 10.95 -26.67
C GLN A 129 12.54 11.33 -27.30
N GLU A 130 11.72 10.34 -27.65
CA GLU A 130 10.41 10.62 -28.21
C GLU A 130 9.55 11.41 -27.23
N PHE A 131 9.52 10.98 -25.96
CA PHE A 131 8.73 11.68 -24.96
C PHE A 131 9.22 13.11 -24.76
N ALA A 132 10.54 13.29 -24.67
CA ALA A 132 11.11 14.62 -24.51
C ALA A 132 10.69 15.54 -25.65
N ALA A 133 10.64 15.01 -26.88
CA ALA A 133 10.20 15.82 -28.02
C ALA A 133 8.73 16.20 -27.90
N LEU A 134 7.88 15.23 -27.53
CA LEU A 134 6.46 15.54 -27.34
C LEU A 134 6.25 16.52 -26.20
N LEU A 135 7.06 16.41 -25.14
CA LEU A 135 6.94 17.33 -24.02
C LEU A 135 7.32 18.75 -24.44
N ALA A 136 8.25 18.88 -25.37
CA ALA A 136 8.67 20.21 -25.83
C ALA A 136 7.56 20.87 -26.64
N GLN A 137 7.06 20.17 -27.66
CA GLN A 137 6.00 20.71 -28.51
C GLN A 137 4.62 20.70 -27.85
N SER A 138 4.56 20.49 -26.53
CA SER A 138 3.30 20.51 -25.81
C SER A 138 3.12 21.74 -24.95
N VAL A 139 4.19 22.40 -24.54
CA VAL A 139 4.10 23.66 -23.81
C VAL A 139 3.44 24.75 -24.64
N ASN A 140 3.27 24.53 -25.94
CA ASN A 140 2.63 25.50 -26.82
C ASN A 140 1.13 25.31 -26.92
N GLN A 141 0.59 24.25 -26.32
CA GLN A 141 -0.83 23.94 -26.39
C GLN A 141 -1.59 24.23 -25.11
N GLY A 142 -0.92 24.57 -24.02
CA GLY A 142 -1.57 24.97 -22.79
C GLY A 142 -1.40 23.94 -21.68
N PHE A 143 -1.89 24.34 -20.51
CA PHE A 143 -1.82 23.51 -19.31
C PHE A 143 -2.43 22.13 -19.54
N GLU A 144 -3.64 22.09 -20.10
CA GLU A 144 -4.35 20.83 -20.35
C GLU A 144 -3.46 19.80 -21.04
N ALA A 145 -2.85 20.17 -22.17
CA ALA A 145 -2.01 19.24 -22.91
C ALA A 145 -0.87 18.70 -22.06
N VAL A 146 -0.20 19.58 -21.31
CA VAL A 146 0.94 19.16 -20.49
C VAL A 146 0.45 18.31 -19.32
N TYR A 147 -0.64 18.70 -18.67
CA TYR A 147 -1.17 17.92 -17.56
C TYR A 147 -1.52 16.51 -17.99
N GLN A 148 -2.09 16.35 -19.19
CA GLN A 148 -2.47 15.04 -19.68
C GLN A 148 -1.29 14.21 -20.16
N LEU A 149 -0.06 14.74 -20.07
CA LEU A 149 1.13 13.97 -20.42
C LEU A 149 1.55 13.03 -19.30
N THR A 150 0.75 12.91 -18.23
CA THR A 150 1.05 11.94 -17.19
C THR A 150 0.73 10.52 -17.66
N ARG A 151 -0.28 10.37 -18.51
CA ARG A 151 -0.60 9.07 -19.10
C ARG A 151 0.52 8.59 -20.02
N MET A 152 1.33 9.51 -20.55
CA MET A 152 2.50 9.11 -21.33
C MET A 152 3.52 8.38 -20.47
N CYS A 153 3.54 8.67 -19.17
CA CYS A 153 4.45 8.02 -18.24
C CYS A 153 3.86 6.76 -17.64
N THR A 154 2.62 6.41 -18.00
CA THR A 154 1.94 5.24 -17.47
C THR A 154 1.64 4.27 -18.61
N ILE A 155 1.87 2.99 -18.35
CA ILE A 155 1.72 1.93 -19.34
C ILE A 155 0.98 0.78 -18.71
N ARG A 156 -0.01 0.24 -19.42
CA ARG A 156 -0.86 -0.82 -18.90
C ARG A 156 -0.68 -2.08 -19.73
N MET A 157 -0.63 -3.23 -19.05
CA MET A 157 -0.44 -4.52 -19.69
C MET A 157 -1.46 -5.52 -19.15
N SER A 158 -1.84 -6.47 -20.01
CA SER A 158 -2.75 -7.56 -19.65
C SER A 158 -2.06 -8.88 -19.95
N PHE A 159 -2.25 -9.86 -19.06
CA PHE A 159 -1.42 -11.06 -19.10
C PHE A 159 -1.97 -12.17 -20.00
N VAL A 160 -3.28 -12.30 -20.14
CA VAL A 160 -3.84 -13.38 -20.96
C VAL A 160 -4.89 -12.85 -21.91
N LYS A 161 -5.83 -12.05 -21.40
CA LYS A 161 -6.97 -11.59 -22.16
C LYS A 161 -6.76 -10.16 -22.64
N GLY A 162 -7.02 -9.92 -23.94
CA GLY A 162 -6.91 -8.59 -24.49
C GLY A 162 -8.21 -7.81 -24.37
N TRP A 163 -8.08 -6.49 -24.52
CA TRP A 163 -9.23 -5.59 -24.40
C TRP A 163 -9.18 -4.55 -25.51
N GLY A 164 -10.16 -3.67 -25.52
CA GLY A 164 -10.28 -2.67 -26.57
C GLY A 164 -11.11 -3.13 -27.74
N ALA A 165 -10.99 -2.39 -28.83
CA ALA A 165 -11.70 -2.72 -30.07
C ALA A 165 -11.34 -4.11 -30.56
N GLU A 166 -12.26 -4.73 -31.31
CA GLU A 166 -12.12 -6.09 -31.86
C GLU A 166 -12.27 -7.13 -30.76
N TYR A 167 -12.39 -6.69 -29.51
CA TYR A 167 -12.57 -7.58 -28.37
C TYR A 167 -13.85 -7.20 -27.64
N ARG A 168 -14.29 -8.10 -26.76
CA ARG A 168 -15.49 -7.80 -25.97
C ARG A 168 -15.18 -6.93 -24.76
N ARG A 169 -14.02 -7.12 -24.16
CA ARG A 169 -13.59 -6.24 -23.07
C ARG A 169 -13.21 -4.89 -23.65
N GLN A 170 -13.90 -3.84 -23.21
CA GLN A 170 -13.66 -2.51 -23.76
C GLN A 170 -12.73 -1.66 -22.90
N THR A 171 -12.59 -1.98 -21.61
CA THR A 171 -11.71 -1.24 -20.72
C THR A 171 -10.73 -2.20 -20.06
N VAL A 172 -9.56 -1.65 -19.69
CA VAL A 172 -8.54 -2.46 -19.03
C VAL A 172 -9.00 -2.97 -17.67
N THR A 173 -9.99 -2.30 -17.06
CA THR A 173 -10.53 -2.76 -15.79
C THR A 173 -11.38 -4.01 -15.93
N SER A 174 -11.63 -4.47 -17.16
CA SER A 174 -12.38 -5.70 -17.39
C SER A 174 -11.48 -6.93 -17.48
N THR A 175 -10.17 -6.74 -17.68
CA THR A 175 -9.25 -7.85 -17.81
C THR A 175 -8.95 -8.47 -16.46
N PRO A 176 -8.80 -9.81 -16.40
CA PRO A 176 -8.60 -10.46 -15.09
C PRO A 176 -7.32 -10.03 -14.38
N CYS A 177 -6.19 -10.01 -15.07
CA CYS A 177 -4.90 -9.71 -14.47
C CYS A 177 -4.21 -8.64 -15.31
N TRP A 178 -4.01 -7.46 -14.72
CA TRP A 178 -3.34 -6.39 -15.44
C TRP A 178 -2.56 -5.52 -14.46
N ILE A 179 -1.53 -4.85 -14.99
CA ILE A 179 -0.63 -4.01 -14.21
C ILE A 179 -0.56 -2.64 -14.86
N GLU A 180 0.06 -1.70 -14.14
CA GLU A 180 0.24 -0.33 -14.61
C GLU A 180 1.60 0.17 -14.15
N LEU A 181 2.45 0.53 -15.12
CA LEU A 181 3.80 0.98 -14.85
C LEU A 181 3.86 2.50 -14.78
N HIS A 182 4.75 3.00 -13.93
CA HIS A 182 5.03 4.43 -13.82
C HIS A 182 6.52 4.64 -14.04
N LEU A 183 6.87 5.40 -15.08
CA LEU A 183 8.26 5.65 -15.43
C LEU A 183 8.74 6.89 -14.66
N ASN A 184 9.57 6.65 -13.63
CA ASN A 184 10.00 7.72 -12.75
C ASN A 184 10.84 8.76 -13.49
N GLY A 185 11.72 8.32 -14.38
CA GLY A 185 12.54 9.20 -15.15
C GLY A 185 11.73 10.26 -15.89
N PRO A 186 10.91 9.82 -16.84
CA PRO A 186 10.00 10.77 -17.52
C PRO A 186 9.13 11.58 -16.57
N LEU A 187 8.65 10.98 -15.48
CA LEU A 187 7.82 11.72 -14.53
C LEU A 187 8.56 12.92 -13.95
N GLN A 188 9.85 12.76 -13.63
CA GLN A 188 10.61 13.87 -13.07
C GLN A 188 10.77 14.99 -14.10
N TRP A 189 11.01 14.63 -15.36
CA TRP A 189 11.07 15.64 -16.42
C TRP A 189 9.74 16.38 -16.55
N LEU A 190 8.63 15.65 -16.43
CA LEU A 190 7.32 16.28 -16.52
C LEU A 190 7.11 17.30 -15.40
N ASP A 191 7.59 16.98 -14.19
CA ASP A 191 7.40 17.88 -13.06
C ASP A 191 8.05 19.23 -13.32
N LYS A 192 9.26 19.23 -13.89
CA LYS A 192 9.96 20.48 -14.18
C LYS A 192 9.13 21.37 -15.10
N VAL A 193 8.43 20.77 -16.07
CA VAL A 193 7.67 21.56 -17.03
C VAL A 193 6.30 21.95 -16.49
N LEU A 194 5.70 21.12 -15.64
CA LEU A 194 4.36 21.41 -15.14
C LEU A 194 4.34 22.66 -14.27
N THR A 195 5.34 22.81 -13.40
CA THR A 195 5.39 23.95 -12.50
C THR A 195 5.40 25.27 -13.26
N GLN A 196 6.09 25.31 -14.41
CA GLN A 196 6.20 26.54 -15.19
C GLN A 196 4.97 26.82 -16.05
N MET A 197 4.06 25.87 -16.19
CA MET A 197 2.87 26.06 -17.00
C MET A 197 1.81 26.93 -16.33
N GLY A 198 2.00 27.29 -15.06
CA GLY A 198 0.99 28.09 -14.37
C GLY A 198 -0.27 27.29 -14.07
N SER A 199 -1.42 27.90 -14.30
CA SER A 199 -2.70 27.30 -13.92
C SER A 199 -3.26 26.39 -15.01
N PRO B 2 2.93 29.78 -25.20
CA PRO B 2 4.05 29.02 -24.63
C PRO B 2 4.83 29.81 -23.56
N PRO B 3 4.68 29.40 -22.30
CA PRO B 3 5.40 30.07 -21.21
C PRO B 3 6.90 30.03 -21.44
N PRO B 4 7.57 31.20 -21.50
CA PRO B 4 9.00 31.21 -21.79
C PRO B 4 9.83 30.38 -20.83
N ALA B 5 9.48 30.35 -19.55
CA ALA B 5 10.23 29.53 -18.60
C ALA B 5 10.04 28.05 -18.90
N ALA B 6 8.83 27.66 -19.32
CA ALA B 6 8.56 26.26 -19.61
C ALA B 6 9.33 25.77 -20.83
N VAL B 7 9.37 26.57 -21.90
CA VAL B 7 10.01 26.14 -23.14
C VAL B 7 11.50 25.90 -22.92
N GLU B 8 12.14 26.72 -22.08
CA GLU B 8 13.55 26.49 -21.76
C GLU B 8 13.72 25.24 -20.90
N ALA B 9 12.79 25.01 -19.96
CA ALA B 9 12.85 23.80 -19.15
C ALA B 9 12.74 22.55 -20.01
N ALA B 10 11.79 22.54 -20.95
CA ALA B 10 11.68 21.43 -21.88
C ALA B 10 12.90 21.33 -22.78
N ARG B 11 13.51 22.46 -23.13
CA ARG B 11 14.70 22.43 -23.97
C ARG B 11 15.87 21.75 -23.27
N GLN B 12 16.01 21.93 -21.96
CA GLN B 12 17.04 21.22 -21.22
C GLN B 12 16.77 19.72 -21.20
N ILE B 13 15.49 19.33 -21.09
CA ILE B 13 15.12 17.91 -21.09
C ILE B 13 15.55 17.26 -22.40
N GLU B 14 15.32 17.94 -23.53
CA GLU B 14 15.71 17.39 -24.83
C GLU B 14 17.22 17.21 -24.93
N ARG B 15 17.98 18.14 -24.33
CA ARG B 15 19.43 17.98 -24.30
C ARG B 15 19.84 16.76 -23.49
N GLU B 16 19.13 16.49 -22.39
CA GLU B 16 19.45 15.30 -21.59
C GLU B 16 19.21 14.01 -22.36
N ALA B 17 18.11 13.95 -23.11
CA ALA B 17 17.78 12.72 -23.83
C ALA B 17 18.83 12.38 -24.89
N GLN B 18 19.39 13.40 -25.55
CA GLN B 18 20.45 13.14 -26.52
C GLN B 18 21.70 12.58 -25.85
N GLN B 19 22.00 13.03 -24.63
CA GLN B 19 23.16 12.51 -23.93
C GLN B 19 23.00 11.03 -23.64
N GLN B 20 21.77 10.59 -23.36
CA GLN B 20 21.50 9.18 -23.10
C GLN B 20 21.72 8.34 -24.36
N GLN B 21 21.35 8.88 -25.52
CA GLN B 21 21.50 8.19 -26.79
C GLN B 21 22.96 8.06 -27.21
N VAL C 7 18.62 -18.25 -12.27
CA VAL C 7 17.77 -17.91 -11.14
C VAL C 7 18.61 -17.69 -9.88
N THR C 8 18.26 -16.68 -9.11
CA THR C 8 18.94 -16.37 -7.85
C THR C 8 17.93 -16.34 -6.73
N TYR C 9 18.32 -16.85 -5.57
CA TYR C 9 17.47 -16.96 -4.41
C TYR C 9 18.16 -16.39 -3.18
N SER C 10 17.39 -15.75 -2.32
CA SER C 10 17.88 -15.21 -1.06
C SER C 10 16.86 -15.54 0.02
N GLU C 11 17.35 -15.88 1.21
CA GLU C 11 16.43 -16.13 2.31
C GLU C 11 15.68 -14.84 2.62
N PRO C 12 14.36 -14.88 2.72
CA PRO C 12 13.61 -13.64 2.96
C PRO C 12 13.95 -13.03 4.31
N ALA C 13 14.01 -11.70 4.34
CA ALA C 13 14.29 -11.00 5.60
C ALA C 13 13.14 -11.20 6.59
N PHE C 14 11.91 -11.10 6.13
CA PHE C 14 10.74 -11.27 6.99
C PHE C 14 10.12 -12.63 6.74
N TRP C 15 9.92 -13.40 7.81
CA TRP C 15 9.37 -14.74 7.69
C TRP C 15 7.88 -14.77 7.43
N CYS C 16 7.19 -13.64 7.56
CA CYS C 16 5.76 -13.57 7.32
C CYS C 16 5.34 -12.11 7.17
N SER C 17 4.19 -11.92 6.55
CA SER C 17 3.59 -10.61 6.39
C SER C 17 2.11 -10.68 6.74
N ILE C 18 1.64 -9.68 7.49
CA ILE C 18 0.26 -9.63 7.96
C ILE C 18 -0.42 -8.42 7.34
N ALA C 19 -1.63 -8.63 6.81
CA ALA C 19 -2.44 -7.58 6.23
C ALA C 19 -3.72 -7.43 7.04
N TYR C 20 -3.99 -6.21 7.50
CA TYR C 20 -5.16 -5.95 8.33
C TYR C 20 -6.35 -5.60 7.44
N TYR C 21 -7.52 -6.11 7.81
CA TYR C 21 -8.74 -5.89 7.06
C TYR C 21 -9.87 -5.50 8.01
N GLU C 22 -10.77 -4.65 7.51
CA GLU C 22 -12.01 -4.33 8.18
C GLU C 22 -13.15 -4.56 7.20
N LEU C 23 -14.02 -5.52 7.51
CA LEU C 23 -15.10 -5.94 6.61
C LEU C 23 -14.48 -6.35 5.29
N ASN C 24 -14.82 -5.71 4.16
CA ASN C 24 -14.30 -6.08 2.85
C ASN C 24 -13.27 -5.08 2.31
N GLN C 25 -12.66 -4.28 3.19
CA GLN C 25 -11.73 -3.24 2.75
C GLN C 25 -10.40 -3.38 3.45
N ARG C 26 -9.32 -3.21 2.69
CA ARG C 26 -7.98 -3.21 3.27
C ARG C 26 -7.77 -1.93 4.07
N VAL C 27 -7.21 -2.07 5.26
CA VAL C 27 -6.95 -0.94 6.15
C VAL C 27 -5.50 -1.00 6.59
N GLY C 28 -4.76 0.08 6.36
CA GLY C 28 -3.37 0.16 6.76
C GLY C 28 -2.43 -0.54 5.79
N GLU C 29 -1.14 -0.39 6.07
CA GLU C 29 -0.09 -1.01 5.27
C GLU C 29 0.14 -2.45 5.70
N THR C 30 0.88 -3.18 4.87
CA THR C 30 1.25 -4.55 5.18
C THR C 30 2.39 -4.55 6.20
N PHE C 31 2.26 -5.38 7.23
CA PHE C 31 3.24 -5.46 8.30
C PHE C 31 4.15 -6.65 8.06
N HIS C 32 5.46 -6.40 8.07
CA HIS C 32 6.46 -7.43 7.82
C HIS C 32 7.18 -7.76 9.11
N ALA C 33 7.08 -9.00 9.56
CA ALA C 33 7.66 -9.44 10.82
C ALA C 33 9.09 -9.87 10.61
N SER C 34 10.03 -9.23 11.32
CA SER C 34 11.44 -9.59 11.26
C SER C 34 11.87 -10.47 12.42
N GLN C 35 11.36 -10.23 13.61
CA GLN C 35 11.69 -11.04 14.77
C GLN C 35 10.82 -12.30 14.80
N PRO C 36 11.31 -13.36 15.46
CA PRO C 36 10.52 -14.60 15.52
C PRO C 36 9.27 -14.50 16.37
N SER C 37 9.05 -13.39 17.08
CA SER C 37 7.88 -13.22 17.92
C SER C 37 7.32 -11.82 17.70
N LEU C 38 5.98 -11.74 17.56
CA LEU C 38 5.33 -10.47 17.36
C LEU C 38 3.90 -10.54 17.89
N THR C 39 3.39 -9.38 18.30
CA THR C 39 2.03 -9.26 18.83
C THR C 39 1.23 -8.30 17.96
N VAL C 40 0.01 -8.69 17.61
CA VAL C 40 -0.90 -7.84 16.86
C VAL C 40 -1.98 -7.39 17.84
N ASP C 41 -1.83 -6.18 18.37
CA ASP C 41 -2.74 -5.63 19.36
C ASP C 41 -3.50 -4.44 18.77
N GLY C 42 -4.41 -3.89 19.58
CA GLY C 42 -5.21 -2.76 19.17
C GLY C 42 -4.76 -1.45 19.77
N PHE C 43 -3.47 -1.34 20.07
CA PHE C 43 -2.91 -0.14 20.69
C PHE C 43 -2.34 0.75 19.58
N THR C 44 -1.49 1.72 19.95
CA THR C 44 -1.16 2.81 19.04
C THR C 44 0.34 3.06 18.88
N ASP C 45 1.18 2.03 19.06
CA ASP C 45 2.61 2.23 18.84
C ASP C 45 2.91 2.10 17.34
N PRO C 46 3.51 3.11 16.71
CA PRO C 46 3.75 3.01 15.26
C PRO C 46 5.12 2.49 14.88
N SER C 47 6.07 2.51 15.81
CA SER C 47 7.46 2.18 15.52
C SER C 47 7.96 1.10 16.47
N ASN C 48 7.33 -0.07 16.40
CA ASN C 48 7.77 -1.26 17.14
C ASN C 48 7.83 -2.42 16.15
N SER C 49 9.03 -2.91 15.87
CA SER C 49 9.22 -4.04 14.96
C SER C 49 8.63 -5.33 15.49
N GLU C 50 8.11 -5.34 16.72
CA GLU C 50 7.49 -6.53 17.30
C GLU C 50 5.99 -6.36 17.52
N ARG C 51 5.42 -5.20 17.22
CA ARG C 51 4.01 -4.93 17.46
C ARG C 51 3.35 -4.36 16.21
N PHE C 52 2.25 -4.98 15.79
CA PHE C 52 1.41 -4.47 14.71
C PHE C 52 0.20 -3.83 15.38
N CYS C 53 0.34 -2.57 15.76
CA CYS C 53 -0.71 -1.85 16.48
C CYS C 53 -1.78 -1.41 15.51
N LEU C 54 -2.99 -1.96 15.67
CA LEU C 54 -4.11 -1.64 14.80
C LEU C 54 -4.94 -0.46 15.29
N GLY C 55 -4.81 -0.08 16.57
CA GLY C 55 -5.61 1.01 17.11
C GLY C 55 -5.38 2.35 16.44
N LEU C 56 -4.21 2.55 15.82
CA LEU C 56 -3.91 3.81 15.16
C LEU C 56 -4.39 3.86 13.72
N LEU C 57 -4.63 2.71 13.10
CA LEU C 57 -5.15 2.69 11.74
C LEU C 57 -6.55 3.29 11.69
N SER C 58 -6.79 4.17 10.71
CA SER C 58 -8.07 4.83 10.56
C SER C 58 -8.78 4.35 9.30
N ASN C 59 -10.11 4.33 9.35
CA ASN C 59 -10.95 3.92 8.23
C ASN C 59 -12.15 4.85 8.22
N VAL C 60 -12.22 5.73 7.22
CA VAL C 60 -13.32 6.70 7.13
C VAL C 60 -14.66 6.01 6.95
N ASN C 61 -14.67 4.81 6.38
CA ASN C 61 -15.90 4.06 6.16
C ASN C 61 -16.19 3.07 7.28
N ARG C 62 -15.55 3.25 8.43
CA ARG C 62 -15.77 2.37 9.58
C ARG C 62 -17.14 2.65 10.19
N ASN C 63 -17.92 1.59 10.42
CA ASN C 63 -19.24 1.72 10.98
C ASN C 63 -19.19 1.55 12.50
N ALA C 64 -20.36 1.47 13.14
CA ALA C 64 -20.42 1.35 14.60
C ALA C 64 -19.91 0.00 15.07
N THR C 65 -20.42 -1.09 14.49
CA THR C 65 -20.08 -2.43 14.97
C THR C 65 -18.58 -2.71 14.87
N VAL C 66 -17.93 -2.22 13.82
CA VAL C 66 -16.48 -2.37 13.72
C VAL C 66 -15.78 -1.58 14.81
N GLU C 67 -16.25 -0.35 15.08
CA GLU C 67 -15.64 0.45 16.13
C GLU C 67 -15.75 -0.24 17.49
N MET C 68 -16.88 -0.89 17.75
CA MET C 68 -17.03 -1.62 19.00
C MET C 68 -16.11 -2.83 19.04
N THR C 69 -15.95 -3.51 17.91
CA THR C 69 -15.06 -4.68 17.86
C THR C 69 -13.61 -4.26 18.07
N ARG C 70 -13.21 -3.10 17.56
CA ARG C 70 -11.84 -2.64 17.75
C ARG C 70 -11.53 -2.28 19.20
N ARG C 71 -12.57 -2.10 20.03
CA ARG C 71 -12.38 -1.79 21.43
C ARG C 71 -12.06 -3.03 22.27
N HIS C 72 -12.38 -4.22 21.75
CA HIS C 72 -12.18 -5.47 22.47
C HIS C 72 -10.94 -6.22 22.01
N ILE C 73 -10.13 -5.63 21.14
CA ILE C 73 -8.92 -6.32 20.69
C ILE C 73 -7.91 -6.42 21.83
N GLY C 74 -7.71 -5.33 22.57
CA GLY C 74 -6.82 -5.38 23.72
C GLY C 74 -5.41 -5.80 23.32
N ARG C 75 -4.88 -6.78 24.05
CA ARG C 75 -3.55 -7.30 23.77
C ARG C 75 -3.49 -8.13 22.49
N GLY C 76 -4.64 -8.44 21.89
CA GLY C 76 -4.66 -9.10 20.58
C GLY C 76 -4.12 -10.51 20.61
N VAL C 77 -3.31 -10.84 19.60
CA VAL C 77 -2.80 -12.19 19.39
C VAL C 77 -1.29 -12.13 19.29
N ARG C 78 -0.63 -13.16 19.83
CA ARG C 78 0.83 -13.28 19.81
C ARG C 78 1.24 -14.43 18.91
N LEU C 79 2.12 -14.15 17.96
CA LEU C 79 2.61 -15.14 17.00
C LEU C 79 4.11 -15.33 17.20
N TYR C 80 4.52 -16.58 17.44
CA TYR C 80 5.94 -16.92 17.49
C TYR C 80 6.25 -18.03 16.50
N TYR C 81 7.47 -18.01 15.98
CA TYR C 81 7.93 -18.93 14.94
C TYR C 81 9.11 -19.70 15.50
N ILE C 82 8.81 -20.76 16.26
CA ILE C 82 9.83 -21.55 16.94
C ILE C 82 10.13 -22.78 16.09
N GLY C 83 11.37 -22.87 15.61
CA GLY C 83 11.78 -24.00 14.80
C GLY C 83 11.17 -24.00 13.42
N GLY C 84 10.21 -24.89 13.19
CA GLY C 84 9.53 -24.95 11.91
C GLY C 84 8.02 -24.98 12.06
N GLU C 85 7.52 -24.40 13.14
CA GLU C 85 6.09 -24.38 13.43
C GLU C 85 5.67 -22.97 13.82
N VAL C 86 4.39 -22.69 13.61
CA VAL C 86 3.81 -21.37 13.87
C VAL C 86 2.65 -21.57 14.85
N PHE C 87 2.61 -20.74 15.89
CA PHE C 87 1.57 -20.80 16.90
C PHE C 87 0.89 -19.45 17.03
N ALA C 88 -0.39 -19.48 17.35
CA ALA C 88 -1.17 -18.28 17.63
C ALA C 88 -1.69 -18.38 19.05
N GLU C 89 -1.39 -17.37 19.87
CA GLU C 89 -1.82 -17.33 21.26
C GLU C 89 -2.79 -16.17 21.43
N CYS C 90 -3.91 -16.44 22.10
CA CYS C 90 -4.98 -15.44 22.26
C CYS C 90 -4.69 -14.63 23.52
N LEU C 91 -4.02 -13.48 23.34
CA LEU C 91 -3.80 -12.56 24.44
C LEU C 91 -4.99 -11.65 24.70
N SER C 92 -5.94 -11.59 23.77
CA SER C 92 -7.11 -10.75 23.93
C SER C 92 -8.07 -11.38 24.94
N ASP C 93 -8.84 -10.52 25.60
CA ASP C 93 -9.89 -11.00 26.50
C ASP C 93 -11.10 -11.55 25.76
N SER C 94 -11.05 -11.58 24.43
CA SER C 94 -12.08 -12.19 23.60
C SER C 94 -11.43 -13.22 22.70
N ALA C 95 -12.13 -14.33 22.46
CA ALA C 95 -11.57 -15.41 21.67
C ALA C 95 -11.29 -14.96 20.24
N ILE C 96 -10.36 -15.67 19.59
CA ILE C 96 -9.99 -15.41 18.22
C ILE C 96 -10.33 -16.64 17.38
N PHE C 97 -10.58 -16.40 16.08
CA PHE C 97 -11.00 -17.44 15.16
C PHE C 97 -10.00 -17.52 14.03
N VAL C 98 -9.37 -18.68 13.86
CA VAL C 98 -8.30 -18.89 12.90
C VAL C 98 -8.77 -19.88 11.84
N GLN C 99 -8.34 -19.64 10.60
CA GLN C 99 -8.65 -20.51 9.47
C GLN C 99 -7.32 -20.83 8.80
N SER C 100 -6.69 -21.93 9.22
CA SER C 100 -5.39 -22.33 8.71
C SER C 100 -5.52 -23.65 7.95
N PRO C 101 -5.38 -23.64 6.62
CA PRO C 101 -5.48 -24.92 5.88
C PRO C 101 -4.50 -25.97 6.36
N ASN C 102 -3.27 -25.57 6.70
CA ASN C 102 -2.29 -26.53 7.22
C ASN C 102 -2.79 -27.18 8.51
N CYS C 103 -3.44 -26.40 9.37
CA CYS C 103 -3.98 -26.95 10.60
C CYS C 103 -5.24 -27.78 10.33
N ASN C 104 -6.14 -27.26 9.49
CA ASN C 104 -7.36 -27.99 9.15
C ASN C 104 -7.05 -29.36 8.58
N GLN C 105 -6.08 -29.42 7.65
CA GLN C 105 -5.69 -30.69 7.06
C GLN C 105 -5.00 -31.59 8.08
N ARG C 106 -4.20 -30.99 8.96
CA ARG C 106 -3.50 -31.76 9.99
C ARG C 106 -4.46 -32.58 10.85
N TYR C 107 -5.70 -32.14 11.00
CA TYR C 107 -6.70 -32.82 11.81
C TYR C 107 -7.84 -33.38 10.99
N GLY C 108 -7.74 -33.34 9.66
CA GLY C 108 -8.77 -33.90 8.80
C GLY C 108 -10.08 -33.14 8.82
N TRP C 109 -10.02 -31.81 8.85
CA TRP C 109 -11.20 -30.96 8.83
C TRP C 109 -11.34 -30.31 7.46
N HIS C 110 -12.54 -29.82 7.18
CA HIS C 110 -12.79 -29.14 5.92
C HIS C 110 -11.83 -27.96 5.76
N PRO C 111 -11.37 -27.68 4.54
CA PRO C 111 -10.41 -26.57 4.36
C PRO C 111 -10.92 -25.23 4.87
N ALA C 112 -12.23 -24.98 4.78
CA ALA C 112 -12.81 -23.73 5.24
C ALA C 112 -13.08 -23.70 6.73
N THR C 113 -12.81 -24.79 7.45
CA THR C 113 -13.14 -24.85 8.88
C THR C 113 -12.41 -23.75 9.66
N VAL C 114 -13.11 -23.19 10.64
CA VAL C 114 -12.61 -22.09 11.46
C VAL C 114 -12.51 -22.58 12.90
N CYS C 115 -11.33 -22.46 13.49
CA CYS C 115 -11.06 -22.89 14.86
C CYS C 115 -11.14 -21.71 15.81
N LYS C 116 -11.82 -21.91 16.94
CA LYS C 116 -11.95 -20.88 17.96
C LYS C 116 -10.87 -21.07 19.02
N ILE C 117 -10.15 -19.99 19.31
CA ILE C 117 -9.11 -20.02 20.34
C ILE C 117 -9.54 -19.12 21.50
N PRO C 118 -10.00 -19.70 22.61
CA PRO C 118 -10.42 -18.89 23.75
C PRO C 118 -9.24 -18.11 24.33
N PRO C 119 -9.52 -17.08 25.13
CA PRO C 119 -8.43 -16.30 25.73
C PRO C 119 -7.50 -17.19 26.54
N GLY C 120 -6.19 -16.99 26.35
CA GLY C 120 -5.18 -17.75 27.04
C GLY C 120 -4.75 -19.03 26.35
N CYS C 121 -5.57 -19.58 25.46
CA CYS C 121 -5.24 -20.81 24.76
C CYS C 121 -4.35 -20.50 23.55
N ASN C 122 -3.77 -21.57 22.99
CA ASN C 122 -2.92 -21.48 21.82
C ASN C 122 -3.21 -22.67 20.90
N LEU C 123 -2.61 -22.64 19.72
CA LEU C 123 -2.84 -23.68 18.71
C LEU C 123 -1.70 -23.65 17.71
N LYS C 124 -1.34 -24.84 17.23
CA LYS C 124 -0.28 -25.01 16.24
C LYS C 124 -0.84 -24.65 14.87
N ILE C 125 -0.66 -23.39 14.47
CA ILE C 125 -1.28 -22.91 13.24
C ILE C 125 -0.64 -23.54 12.02
N PHE C 126 0.70 -23.67 12.01
CA PHE C 126 1.41 -24.11 10.82
C PHE C 126 2.56 -25.02 11.20
N ASN C 127 2.96 -25.87 10.26
CA ASN C 127 4.08 -26.78 10.44
C ASN C 127 4.82 -26.92 9.12
N ASN C 128 6.10 -26.51 9.09
CA ASN C 128 6.87 -26.55 7.86
C ASN C 128 7.03 -27.97 7.33
N GLN C 129 7.34 -28.92 8.21
CA GLN C 129 7.53 -30.31 7.78
C GLN C 129 6.27 -30.87 7.13
N GLU C 130 5.10 -30.57 7.70
CA GLU C 130 3.85 -31.01 7.10
C GLU C 130 3.67 -30.43 5.71
N PHE C 131 3.92 -29.13 5.55
CA PHE C 131 3.80 -28.48 4.26
C PHE C 131 4.78 -29.06 3.25
N ALA C 132 6.05 -29.23 3.65
CA ALA C 132 7.06 -29.80 2.77
C ALA C 132 6.64 -31.17 2.25
N ALA C 133 6.06 -31.99 3.12
CA ALA C 133 5.59 -33.32 2.69
C ALA C 133 4.46 -33.20 1.69
N LEU C 134 3.48 -32.33 1.95
CA LEU C 134 2.39 -32.13 1.01
C LEU C 134 2.88 -31.59 -0.32
N LEU C 135 3.91 -30.74 -0.29
CA LEU C 135 4.47 -30.21 -1.53
C LEU C 135 5.11 -31.31 -2.37
N ALA C 136 5.69 -32.33 -1.73
CA ALA C 136 6.34 -33.40 -2.47
C ALA C 136 5.31 -34.27 -3.18
N GLN C 137 4.31 -34.76 -2.46
CA GLN C 137 3.27 -35.62 -3.02
C GLN C 137 2.24 -34.85 -3.85
N SER C 138 2.54 -33.62 -4.24
CA SER C 138 1.64 -32.81 -5.06
C SER C 138 2.09 -32.68 -6.50
N VAL C 139 3.38 -32.85 -6.78
CA VAL C 139 3.91 -32.82 -8.14
C VAL C 139 3.34 -33.92 -9.02
N ASN C 140 2.67 -34.91 -8.43
CA ASN C 140 2.10 -36.01 -9.21
C ASN C 140 0.67 -35.74 -9.66
N GLN C 141 0.06 -34.64 -9.23
CA GLN C 141 -1.31 -34.33 -9.60
C GLN C 141 -1.42 -33.21 -10.63
N GLY C 142 -0.33 -32.55 -10.97
CA GLY C 142 -0.32 -31.54 -12.00
C GLY C 142 -0.13 -30.13 -11.45
N PHE C 143 -0.01 -29.20 -12.39
CA PHE C 143 0.17 -27.78 -12.06
C PHE C 143 -0.91 -27.28 -11.10
N GLU C 144 -2.18 -27.55 -11.44
CA GLU C 144 -3.31 -27.10 -10.63
C GLU C 144 -3.12 -27.42 -9.14
N ALA C 145 -2.85 -28.69 -8.82
CA ALA C 145 -2.68 -29.07 -7.43
C ALA C 145 -1.55 -28.29 -6.76
N VAL C 146 -0.42 -28.14 -7.46
CA VAL C 146 0.71 -27.39 -6.89
C VAL C 146 0.36 -25.91 -6.79
N TYR C 147 -0.27 -25.36 -7.83
CA TYR C 147 -0.66 -23.96 -7.79
C TYR C 147 -1.60 -23.65 -6.62
N GLN C 148 -2.50 -24.58 -6.31
CA GLN C 148 -3.44 -24.34 -5.21
C GLN C 148 -2.80 -24.48 -3.84
N LEU C 149 -1.51 -24.76 -3.77
CA LEU C 149 -0.81 -24.78 -2.49
C LEU C 149 -0.44 -23.38 -2.02
N THR C 150 -0.90 -22.34 -2.73
CA THR C 150 -0.69 -20.98 -2.27
C THR C 150 -1.59 -20.64 -1.09
N ARG C 151 -2.80 -21.19 -1.08
CA ARG C 151 -3.70 -21.01 0.06
C ARG C 151 -3.15 -21.66 1.32
N MET C 152 -2.28 -22.67 1.17
CA MET C 152 -1.63 -23.26 2.33
C MET C 152 -0.68 -22.28 3.00
N CYS C 153 -0.17 -21.31 2.23
CA CYS C 153 0.74 -20.30 2.74
C CYS C 153 0.02 -19.07 3.28
N THR C 154 -1.31 -19.04 3.21
CA THR C 154 -2.10 -17.91 3.68
C THR C 154 -2.99 -18.36 4.83
N ILE C 155 -3.04 -17.53 5.88
CA ILE C 155 -3.77 -17.85 7.10
C ILE C 155 -4.59 -16.63 7.49
N ARG C 156 -5.86 -16.86 7.85
CA ARG C 156 -6.79 -15.80 8.19
C ARG C 156 -7.25 -15.96 9.63
N MET C 157 -7.33 -14.84 10.36
CA MET C 157 -7.78 -14.82 11.74
C MET C 157 -8.80 -13.72 11.94
N SER C 158 -9.71 -13.96 12.89
CA SER C 158 -10.73 -12.99 13.29
C SER C 158 -10.62 -12.76 14.78
N PHE C 159 -10.78 -11.50 15.20
CA PHE C 159 -10.43 -11.10 16.56
C PHE C 159 -11.56 -11.27 17.57
N VAL C 160 -12.82 -11.09 17.16
CA VAL C 160 -13.92 -11.20 18.11
C VAL C 160 -15.04 -12.08 17.57
N LYS C 161 -15.46 -11.82 16.33
CA LYS C 161 -16.62 -12.48 15.76
C LYS C 161 -16.17 -13.57 14.79
N GLY C 162 -16.74 -14.76 14.93
CA GLY C 162 -16.43 -15.86 14.04
C GLY C 162 -17.30 -15.88 12.80
N TRP C 163 -16.84 -16.63 11.79
CA TRP C 163 -17.54 -16.72 10.51
C TRP C 163 -17.55 -18.18 10.06
N GLY C 164 -18.19 -18.40 8.91
CA GLY C 164 -18.34 -19.75 8.39
C GLY C 164 -19.59 -20.42 8.90
N ALA C 165 -19.62 -21.74 8.71
CA ALA C 165 -20.72 -22.56 9.19
C ALA C 165 -20.87 -22.41 10.71
N GLU C 166 -22.08 -22.68 11.19
CA GLU C 166 -22.54 -22.60 12.58
C GLU C 166 -22.75 -21.15 13.02
N TYR C 167 -22.40 -20.16 12.20
CA TYR C 167 -22.60 -18.75 12.49
C TYR C 167 -23.39 -18.11 11.36
N ARG C 168 -23.84 -16.88 11.58
CA ARG C 168 -24.56 -16.19 10.52
C ARG C 168 -23.62 -15.58 9.48
N ARG C 169 -22.44 -15.14 9.91
CA ARG C 169 -21.42 -14.66 8.97
C ARG C 169 -20.83 -15.86 8.23
N GLN C 170 -20.97 -15.88 6.91
CA GLN C 170 -20.49 -16.99 6.10
C GLN C 170 -19.13 -16.73 5.45
N THR C 171 -18.71 -15.48 5.32
CA THR C 171 -17.43 -15.15 4.71
C THR C 171 -16.59 -14.33 5.68
N VAL C 172 -15.27 -14.43 5.54
CA VAL C 172 -14.36 -13.68 6.40
C VAL C 172 -14.49 -12.18 6.18
N THR C 173 -15.00 -11.77 5.01
CA THR C 173 -15.24 -10.35 4.75
C THR C 173 -16.41 -9.78 5.54
N SER C 174 -17.14 -10.62 6.28
CA SER C 174 -18.23 -10.14 7.12
C SER C 174 -17.79 -9.80 8.54
N THR C 175 -16.61 -10.27 8.96
CA THR C 175 -16.12 -10.01 10.31
C THR C 175 -15.60 -8.58 10.42
N PRO C 176 -15.82 -7.92 11.55
CA PRO C 176 -15.38 -6.52 11.67
C PRO C 176 -13.88 -6.33 11.56
N CYS C 177 -13.10 -7.14 12.28
CA CYS C 177 -11.65 -6.99 12.31
C CYS C 177 -11.02 -8.35 12.05
N TRP C 178 -10.30 -8.47 10.94
CA TRP C 178 -9.62 -9.71 10.62
C TRP C 178 -8.34 -9.41 9.85
N ILE C 179 -7.40 -10.35 9.91
CA ILE C 179 -6.10 -10.21 9.29
C ILE C 179 -5.85 -11.41 8.38
N GLU C 180 -4.78 -11.32 7.60
CA GLU C 180 -4.41 -12.38 6.66
C GLU C 180 -2.90 -12.50 6.65
N LEU C 181 -2.39 -13.66 7.02
CA LEU C 181 -0.96 -13.91 7.09
C LEU C 181 -0.44 -14.53 5.81
N HIS C 182 0.79 -14.17 5.44
CA HIS C 182 1.47 -14.77 4.30
C HIS C 182 2.83 -15.28 4.79
N LEU C 183 3.04 -16.59 4.70
CA LEU C 183 4.27 -17.21 5.15
C LEU C 183 5.30 -17.21 4.03
N ASN C 184 6.29 -16.34 4.14
CA ASN C 184 7.28 -16.18 3.07
C ASN C 184 8.10 -17.45 2.87
N GLY C 185 8.49 -18.09 3.97
CA GLY C 185 9.24 -19.33 3.92
C GLY C 185 8.60 -20.38 3.04
N PRO C 186 7.42 -20.86 3.44
CA PRO C 186 6.68 -21.80 2.58
C PRO C 186 6.46 -21.29 1.17
N LEU C 187 6.20 -19.99 0.99
CA LEU C 187 6.02 -19.44 -0.35
C LEU C 187 7.26 -19.62 -1.20
N GLN C 188 8.45 -19.42 -0.60
CA GLN C 188 9.68 -19.57 -1.37
C GLN C 188 9.89 -21.02 -1.79
N TRP C 189 9.57 -21.97 -0.91
CA TRP C 189 9.67 -23.38 -1.29
C TRP C 189 8.73 -23.69 -2.44
N LEU C 190 7.52 -23.12 -2.40
CA LEU C 190 6.56 -23.33 -3.48
C LEU C 190 7.08 -22.77 -4.79
N ASP C 191 7.75 -21.61 -4.75
CA ASP C 191 8.26 -20.98 -5.95
C ASP C 191 9.25 -21.90 -6.67
N LYS C 192 10.15 -22.54 -5.91
CA LYS C 192 11.12 -23.44 -6.53
C LYS C 192 10.44 -24.57 -7.29
N VAL C 193 9.34 -25.10 -6.76
CA VAL C 193 8.69 -26.22 -7.41
C VAL C 193 7.77 -25.75 -8.54
N LEU C 194 7.15 -24.58 -8.39
CA LEU C 194 6.21 -24.11 -9.40
C LEU C 194 6.91 -23.78 -10.71
N THR C 195 8.08 -23.14 -10.63
CA THR C 195 8.81 -22.76 -11.84
C THR C 195 9.13 -23.98 -12.71
N GLN C 196 9.46 -25.10 -12.08
CA GLN C 196 9.82 -26.31 -12.80
C GLN C 196 8.62 -27.14 -13.28
N MET C 197 7.41 -26.83 -12.81
CA MET C 197 6.25 -27.62 -13.20
C MET C 197 5.77 -27.32 -14.63
N GLY C 198 6.26 -26.26 -15.26
CA GLY C 198 5.83 -25.93 -16.61
C GLY C 198 4.37 -25.51 -16.67
N SER C 199 3.95 -25.14 -17.88
CA SER C 199 2.55 -24.84 -18.17
C SER C 199 1.95 -23.81 -17.22
N PRO D 2 5.10 -36.15 -13.03
CA PRO D 2 6.13 -35.52 -12.19
C PRO D 2 7.36 -35.10 -12.99
N PRO D 3 7.73 -33.83 -12.92
CA PRO D 3 8.91 -33.35 -13.63
C PRO D 3 10.18 -33.68 -12.85
N PRO D 4 11.23 -34.15 -13.54
CA PRO D 4 12.45 -34.52 -12.81
C PRO D 4 13.04 -33.40 -11.96
N ALA D 5 13.19 -32.21 -12.53
CA ALA D 5 13.72 -31.09 -11.76
C ALA D 5 12.78 -30.67 -10.64
N ALA D 6 11.47 -30.74 -10.86
CA ALA D 6 10.52 -30.33 -9.83
C ALA D 6 10.56 -31.27 -8.62
N VAL D 7 10.55 -32.59 -8.87
CA VAL D 7 10.56 -33.52 -7.75
C VAL D 7 11.85 -33.42 -6.97
N GLU D 8 12.97 -33.14 -7.65
CA GLU D 8 14.24 -32.98 -6.95
C GLU D 8 14.27 -31.71 -6.11
N ALA D 9 13.69 -30.62 -6.61
CA ALA D 9 13.62 -29.39 -5.83
C ALA D 9 12.80 -29.60 -4.56
N ALA D 10 11.63 -30.23 -4.68
CA ALA D 10 10.84 -30.57 -3.50
C ALA D 10 11.55 -31.58 -2.63
N ARG D 11 12.32 -32.49 -3.23
CA ARG D 11 13.10 -33.46 -2.47
C ARG D 11 14.15 -32.76 -1.61
N GLN D 12 14.76 -31.69 -2.14
CA GLN D 12 15.66 -30.88 -1.33
C GLN D 12 14.89 -30.12 -0.24
N ILE D 13 13.69 -29.65 -0.54
CA ILE D 13 12.92 -28.90 0.45
C ILE D 13 12.62 -29.76 1.67
N GLU D 14 12.27 -31.02 1.44
CA GLU D 14 11.94 -31.91 2.56
C GLU D 14 13.13 -32.09 3.50
N ARG D 15 14.34 -32.18 2.96
CA ARG D 15 15.52 -32.26 3.83
C ARG D 15 15.74 -30.97 4.59
N GLU D 16 15.50 -29.82 3.94
CA GLU D 16 15.69 -28.55 4.62
C GLU D 16 14.72 -28.40 5.79
N ALA D 17 13.46 -28.74 5.57
CA ALA D 17 12.48 -28.68 6.65
C ALA D 17 12.77 -29.73 7.71
N GLN D 18 13.23 -30.92 7.29
CA GLN D 18 13.57 -31.97 8.25
C GLN D 18 14.78 -31.58 9.09
N GLN D 19 15.73 -30.84 8.52
CA GLN D 19 16.87 -30.38 9.30
C GLN D 19 16.43 -29.46 10.44
N GLN D 20 15.34 -28.71 10.23
CA GLN D 20 14.87 -27.79 11.25
C GLN D 20 14.50 -28.52 12.54
N GLN D 21 13.93 -29.71 12.42
CA GLN D 21 13.57 -30.49 13.61
C GLN D 21 14.80 -31.03 14.32
N VAL E 7 7.76 -4.62 27.39
CA VAL E 7 7.65 -3.73 26.25
C VAL E 7 8.89 -2.84 26.13
N THR E 8 9.35 -2.66 24.89
CA THR E 8 10.48 -1.82 24.57
C THR E 8 10.03 -0.78 23.56
N TYR E 9 10.56 0.44 23.69
CA TYR E 9 10.11 1.56 22.88
C TYR E 9 11.31 2.22 22.20
N SER E 10 11.08 2.69 20.98
CA SER E 10 12.10 3.35 20.19
C SER E 10 11.51 4.59 19.53
N GLU E 11 12.34 5.63 19.42
CA GLU E 11 11.91 6.85 18.75
C GLU E 11 11.58 6.56 17.29
N PRO E 12 10.42 6.97 16.79
CA PRO E 12 10.07 6.65 15.40
C PRO E 12 11.01 7.36 14.43
N ALA E 13 11.33 6.65 13.34
CA ALA E 13 12.17 7.23 12.30
C ALA E 13 11.46 8.38 11.59
N PHE E 14 10.18 8.19 11.27
CA PHE E 14 9.39 9.21 10.60
C PHE E 14 8.47 9.87 11.61
N TRP E 15 8.49 11.21 11.65
CA TRP E 15 7.67 11.92 12.61
C TRP E 15 6.20 11.99 12.21
N CYS E 16 5.86 11.61 10.98
CA CYS E 16 4.47 11.61 10.55
C CYS E 16 4.34 10.81 9.26
N SER E 17 3.12 10.38 8.98
CA SER E 17 2.78 9.68 7.75
C SER E 17 1.49 10.26 7.20
N ILE E 18 1.46 10.48 5.88
CA ILE E 18 0.32 11.09 5.21
C ILE E 18 -0.27 10.09 4.23
N ALA E 19 -1.60 9.94 4.26
CA ALA E 19 -2.32 9.06 3.36
C ALA E 19 -3.26 9.90 2.50
N TYR E 20 -3.16 9.74 1.18
CA TYR E 20 -3.96 10.50 0.23
C TYR E 20 -5.26 9.75 -0.09
N TYR E 21 -6.34 10.52 -0.21
CA TYR E 21 -7.66 9.97 -0.49
C TYR E 21 -8.33 10.75 -1.61
N GLU E 22 -9.13 10.04 -2.41
CA GLU E 22 -10.01 10.67 -3.39
C GLU E 22 -11.42 10.16 -3.17
N LEU E 23 -12.33 11.08 -2.83
CA LEU E 23 -13.70 10.75 -2.46
C LEU E 23 -13.65 9.77 -1.30
N ASN E 24 -14.16 8.54 -1.42
CA ASN E 24 -14.17 7.56 -0.36
C ASN E 24 -13.18 6.43 -0.60
N GLN E 25 -12.18 6.64 -1.45
CA GLN E 25 -11.25 5.58 -1.84
C GLN E 25 -9.81 6.03 -1.64
N ARG E 26 -8.99 5.13 -1.10
CA ARG E 26 -7.57 5.39 -0.93
C ARG E 26 -6.87 5.39 -2.28
N VAL E 27 -5.99 6.37 -2.50
CA VAL E 27 -5.24 6.49 -3.75
C VAL E 27 -3.76 6.63 -3.40
N GLY E 28 -2.94 5.74 -3.97
CA GLY E 28 -1.51 5.78 -3.74
C GLY E 28 -1.10 5.15 -2.42
N GLU E 29 0.22 5.06 -2.24
CA GLU E 29 0.78 4.51 -1.01
C GLU E 29 0.86 5.59 0.07
N THR E 30 1.10 5.13 1.30
CA THR E 30 1.28 6.03 2.43
C THR E 30 2.68 6.63 2.38
N PHE E 31 2.77 7.94 2.54
CA PHE E 31 4.03 8.67 2.48
C PHE E 31 4.52 8.93 3.89
N HIS E 32 5.78 8.56 4.16
CA HIS E 32 6.38 8.73 5.47
C HIS E 32 7.43 9.84 5.39
N ALA E 33 7.20 10.91 6.14
CA ALA E 33 8.09 12.07 6.12
C ALA E 33 9.22 11.85 7.12
N SER E 34 10.46 11.91 6.64
CA SER E 34 11.64 11.80 7.49
C SER E 34 12.24 13.15 7.84
N GLN E 35 12.22 14.11 6.92
CA GLN E 35 12.73 15.44 7.18
C GLN E 35 11.67 16.27 7.90
N PRO E 36 12.08 17.30 8.65
CA PRO E 36 11.10 18.12 9.38
C PRO E 36 10.23 18.99 8.49
N SER E 37 10.49 19.05 7.17
CA SER E 37 9.71 19.86 6.27
C SER E 37 9.38 19.08 5.01
N LEU E 38 8.13 19.16 4.58
CA LEU E 38 7.70 18.48 3.36
C LEU E 38 6.53 19.24 2.75
N THR E 39 6.40 19.13 1.43
CA THR E 39 5.33 19.77 0.68
C THR E 39 4.50 18.71 -0.02
N VAL E 40 3.18 18.82 0.08
CA VAL E 40 2.26 17.92 -0.60
C VAL E 40 1.62 18.71 -1.74
N ASP E 41 2.14 18.52 -2.95
CA ASP E 41 1.68 19.22 -4.13
C ASP E 41 1.03 18.23 -5.10
N GLY E 42 0.51 18.77 -6.21
CA GLY E 42 -0.15 17.95 -7.21
C GLY E 42 0.69 17.74 -8.46
N PHE E 43 2.00 17.77 -8.32
CA PHE E 43 2.92 17.60 -9.43
C PHE E 43 3.36 16.14 -9.53
N THR E 44 4.46 15.87 -10.25
CA THR E 44 4.77 14.52 -10.69
C THR E 44 6.19 14.08 -10.36
N ASP E 45 6.81 14.63 -9.31
CA ASP E 45 8.14 14.14 -8.94
C ASP E 45 7.99 12.89 -8.07
N PRO E 46 8.59 11.76 -8.45
CA PRO E 46 8.39 10.54 -7.68
C PRO E 46 9.46 10.29 -6.61
N SER E 47 10.60 10.98 -6.71
CA SER E 47 11.74 10.70 -5.84
C SER E 47 12.21 11.99 -5.15
N ASN E 48 11.34 12.56 -4.33
CA ASN E 48 11.71 13.69 -3.48
C ASN E 48 11.21 13.38 -2.07
N SER E 49 12.14 13.16 -1.15
CA SER E 49 11.78 12.88 0.24
C SER E 49 11.12 14.06 0.94
N GLU E 50 11.03 15.22 0.28
CA GLU E 50 10.38 16.40 0.83
C GLU E 50 9.12 16.76 0.07
N ARG E 51 8.76 16.02 -0.98
CA ARG E 51 7.57 16.32 -1.78
C ARG E 51 6.71 15.08 -1.91
N PHE E 52 5.43 15.22 -1.54
CA PHE E 52 4.44 14.17 -1.76
C PHE E 52 3.62 14.57 -2.98
N CYS E 53 4.15 14.23 -4.15
CA CYS E 53 3.53 14.62 -5.41
C CYS E 53 2.32 13.73 -5.68
N LEU E 54 1.14 14.33 -5.67
CA LEU E 54 -0.10 13.61 -5.90
C LEU E 54 -0.49 13.54 -7.37
N GLY E 55 0.07 14.40 -8.21
CA GLY E 55 -0.28 14.41 -9.62
C GLY E 55 0.10 13.14 -10.35
N LEU E 56 1.07 12.40 -9.84
CA LEU E 56 1.50 11.16 -10.49
C LEU E 56 0.68 9.95 -10.04
N LEU E 57 -0.01 10.05 -8.90
CA LEU E 57 -0.86 8.97 -8.45
C LEU E 57 -2.01 8.77 -9.43
N SER E 58 -2.29 7.52 -9.77
CA SER E 58 -3.35 7.18 -10.70
C SER E 58 -4.48 6.50 -9.94
N ASN E 59 -5.70 6.74 -10.41
CA ASN E 59 -6.90 6.16 -9.82
C ASN E 59 -7.84 5.78 -10.95
N VAL E 60 -8.02 4.47 -11.16
CA VAL E 60 -8.90 4.00 -12.22
C VAL E 60 -10.32 4.47 -11.98
N ASN E 61 -10.67 4.75 -10.73
CA ASN E 61 -12.00 5.21 -10.35
C ASN E 61 -12.07 6.73 -10.23
N ARG E 62 -11.13 7.45 -10.83
CA ARG E 62 -11.17 8.91 -10.81
C ARG E 62 -12.24 9.42 -11.76
N ASN E 63 -13.12 10.29 -11.27
CA ASN E 63 -14.21 10.84 -12.08
C ASN E 63 -13.80 12.20 -12.66
N ALA E 64 -14.78 12.89 -13.26
CA ALA E 64 -14.52 14.19 -13.88
C ALA E 64 -14.24 15.26 -12.82
N THR E 65 -15.12 15.39 -11.83
CA THR E 65 -14.98 16.48 -10.87
C THR E 65 -13.66 16.38 -10.09
N VAL E 66 -13.25 15.17 -9.74
CA VAL E 66 -11.93 15.01 -9.11
C VAL E 66 -10.83 15.38 -10.09
N GLU E 67 -10.99 15.01 -11.36
CA GLU E 67 -10.00 15.31 -12.37
C GLU E 67 -9.77 16.82 -12.47
N MET E 68 -10.83 17.60 -12.36
CA MET E 68 -10.72 19.06 -12.35
C MET E 68 -10.08 19.57 -11.07
N THR E 69 -10.45 18.99 -9.93
CA THR E 69 -9.91 19.43 -8.65
C THR E 69 -8.40 19.16 -8.54
N ARG E 70 -7.92 18.06 -9.13
CA ARG E 70 -6.51 17.75 -9.08
C ARG E 70 -5.66 18.72 -9.90
N ARG E 71 -6.28 19.51 -10.77
CA ARG E 71 -5.55 20.47 -11.59
C ARG E 71 -5.25 21.77 -10.86
N HIS E 72 -5.97 22.08 -9.78
CA HIS E 72 -5.79 23.31 -9.04
C HIS E 72 -5.01 23.13 -7.75
N ILE E 73 -4.46 21.94 -7.50
CA ILE E 73 -3.67 21.73 -6.29
C ILE E 73 -2.38 22.55 -6.35
N GLY E 74 -1.72 22.56 -7.51
CA GLY E 74 -0.52 23.36 -7.69
C GLY E 74 0.56 23.00 -6.70
N ARG E 75 1.13 24.04 -6.06
CA ARG E 75 2.18 23.82 -5.08
C ARG E 75 1.65 23.21 -3.78
N GLY E 76 0.34 23.12 -3.61
CA GLY E 76 -0.23 22.40 -2.48
C GLY E 76 0.06 23.08 -1.15
N VAL E 77 0.41 22.27 -0.15
CA VAL E 77 0.62 22.74 1.21
C VAL E 77 2.02 22.29 1.67
N ARG E 78 2.69 23.15 2.42
CA ARG E 78 4.01 22.86 2.97
C ARG E 78 3.90 22.72 4.49
N LEU E 79 4.42 21.62 5.01
CA LEU E 79 4.36 21.30 6.44
C LEU E 79 5.76 21.31 7.03
N TYR E 80 5.96 22.09 8.09
CA TYR E 80 7.22 22.10 8.81
C TYR E 80 6.99 21.77 10.27
N TYR E 81 7.99 21.15 10.88
CA TYR E 81 7.95 20.64 12.25
C TYR E 81 9.05 21.35 13.05
N ILE E 82 8.72 22.55 13.54
CA ILE E 82 9.68 23.38 14.27
C ILE E 82 9.45 23.18 15.76
N GLY E 83 10.44 22.63 16.44
CA GLY E 83 10.34 22.40 17.87
C GLY E 83 9.38 21.29 18.21
N GLY E 84 8.22 21.65 18.76
CA GLY E 84 7.20 20.68 19.11
C GLY E 84 5.85 21.05 18.56
N GLU E 85 5.83 21.79 17.46
CA GLU E 85 4.61 22.27 16.83
C GLU E 85 4.65 22.00 15.34
N VAL E 86 3.47 21.90 14.74
CA VAL E 86 3.31 21.59 13.33
C VAL E 86 2.50 22.71 12.69
N PHE E 87 2.97 23.20 11.55
CA PHE E 87 2.31 24.29 10.84
C PHE E 87 2.02 23.86 9.40
N ALA E 88 0.93 24.41 8.85
CA ALA E 88 0.55 24.18 7.47
C ALA E 88 0.49 25.52 6.74
N GLU E 89 1.21 25.62 5.63
CA GLU E 89 1.27 26.83 4.82
C GLU E 89 0.62 26.55 3.46
N CYS E 90 -0.25 27.45 3.02
CA CYS E 90 -1.00 27.27 1.78
C CYS E 90 -0.19 27.83 0.63
N LEU E 91 0.56 26.96 -0.06
CA LEU E 91 1.29 27.38 -1.24
C LEU E 91 0.42 27.40 -2.49
N SER E 92 -0.74 26.76 -2.45
CA SER E 92 -1.63 26.73 -3.60
C SER E 92 -2.34 28.07 -3.77
N ASP E 93 -2.66 28.41 -5.01
CA ASP E 93 -3.46 29.58 -5.30
C ASP E 93 -4.93 29.38 -4.98
N SER E 94 -5.30 28.24 -4.41
CA SER E 94 -6.65 27.95 -3.94
C SER E 94 -6.57 27.57 -2.47
N ALA E 95 -7.57 28.00 -1.70
CA ALA E 95 -7.57 27.76 -0.26
C ALA E 95 -7.64 26.27 0.05
N ILE E 96 -7.14 25.91 1.24
CA ILE E 96 -7.18 24.55 1.74
C ILE E 96 -7.99 24.53 3.02
N PHE E 97 -8.57 23.36 3.32
CA PHE E 97 -9.49 23.21 4.44
C PHE E 97 -8.94 22.14 5.37
N VAL E 98 -8.66 22.52 6.63
CA VAL E 98 -8.02 21.64 7.59
C VAL E 98 -8.98 21.36 8.73
N GLN E 99 -8.95 20.13 9.25
CA GLN E 99 -9.76 19.69 10.38
C GLN E 99 -8.83 19.06 11.40
N SER E 100 -8.33 19.88 12.33
CA SER E 100 -7.38 19.42 13.35
C SER E 100 -7.99 19.54 14.74
N PRO E 101 -8.31 18.43 15.40
CA PRO E 101 -8.87 18.53 16.77
C PRO E 101 -7.97 19.27 17.74
N ASN E 102 -6.65 19.05 17.65
CA ASN E 102 -5.73 19.76 18.53
C ASN E 102 -5.84 21.27 18.33
N CYS E 103 -5.99 21.72 17.08
CA CYS E 103 -6.15 23.14 16.82
C CYS E 103 -7.54 23.62 17.23
N ASN E 104 -8.57 22.84 16.88
CA ASN E 104 -9.95 23.20 17.25
C ASN E 104 -10.08 23.37 18.77
N GLN E 105 -9.52 22.44 19.53
CA GLN E 105 -9.59 22.53 20.99
C GLN E 105 -8.77 23.71 21.52
N ARG E 106 -7.63 23.99 20.89
CA ARG E 106 -6.80 25.12 21.31
C ARG E 106 -7.59 26.42 21.30
N TYR E 107 -8.58 26.52 20.42
CA TYR E 107 -9.45 27.69 20.31
C TYR E 107 -10.87 27.34 20.72
N GLY E 108 -11.08 26.14 21.26
CA GLY E 108 -12.35 25.68 21.76
C GLY E 108 -13.40 25.42 20.70
N TRP E 109 -13.03 24.87 19.56
CA TRP E 109 -14.00 24.60 18.52
C TRP E 109 -14.34 23.11 18.46
N HIS E 110 -15.49 22.81 17.88
CA HIS E 110 -15.93 21.43 17.77
C HIS E 110 -14.88 20.60 17.03
N PRO E 111 -14.67 19.34 17.43
CA PRO E 111 -13.65 18.52 16.76
C PRO E 111 -13.84 18.43 15.26
N ALA E 112 -15.07 18.47 14.77
CA ALA E 112 -15.34 18.38 13.34
C ALA E 112 -15.16 19.72 12.63
N THR E 113 -14.83 20.79 13.35
CA THR E 113 -14.69 22.10 12.71
C THR E 113 -13.62 22.05 11.63
N VAL E 114 -13.88 22.73 10.52
CA VAL E 114 -12.98 22.75 9.37
C VAL E 114 -12.48 24.17 9.20
N CYS E 115 -11.16 24.35 9.22
CA CYS E 115 -10.54 25.66 9.09
C CYS E 115 -10.09 25.86 7.65
N LYS E 116 -10.39 27.04 7.10
CA LYS E 116 -9.99 27.41 5.75
C LYS E 116 -8.71 28.22 5.79
N ILE E 117 -7.72 27.80 5.01
CA ILE E 117 -6.45 28.52 4.94
C ILE E 117 -6.30 29.14 3.56
N PRO E 118 -6.51 30.46 3.42
CA PRO E 118 -6.37 31.11 2.12
C PRO E 118 -4.95 31.03 1.61
N PRO E 119 -4.73 31.25 0.31
CA PRO E 119 -3.38 31.19 -0.24
C PRO E 119 -2.44 32.18 0.46
N GLY E 120 -1.24 31.69 0.79
CA GLY E 120 -0.24 32.49 1.45
C GLY E 120 -0.30 32.46 2.97
N CYS E 121 -1.43 32.08 3.54
CA CYS E 121 -1.58 32.05 4.99
C CYS E 121 -0.99 30.77 5.56
N ASN E 122 -0.84 30.76 6.89
CA ASN E 122 -0.34 29.60 7.63
C ASN E 122 -1.12 29.47 8.92
N LEU E 123 -0.90 28.37 9.63
CA LEU E 123 -1.64 28.09 10.85
C LEU E 123 -0.87 27.08 11.68
N LYS E 124 -0.94 27.23 13.00
CA LYS E 124 -0.28 26.30 13.93
C LYS E 124 -1.18 25.09 14.08
N ILE E 125 -0.90 24.05 13.29
CA ILE E 125 -1.78 22.90 13.20
C ILE E 125 -1.78 22.08 14.49
N PHE E 126 -0.61 21.89 15.10
CA PHE E 126 -0.49 20.98 16.24
C PHE E 126 0.45 21.56 17.29
N ASN E 127 0.26 21.12 18.53
CA ASN E 127 1.09 21.50 19.66
C ASN E 127 1.23 20.31 20.59
N ASN E 128 2.45 19.81 20.76
CA ASN E 128 2.67 18.65 21.62
C ASN E 128 2.31 18.95 23.07
N GLN E 129 2.73 20.12 23.57
CA GLN E 129 2.46 20.48 24.97
C GLN E 129 0.97 20.47 25.24
N GLU E 130 0.17 21.01 24.32
CA GLU E 130 -1.28 20.98 24.47
C GLU E 130 -1.80 19.55 24.53
N PHE E 131 -1.32 18.70 23.61
CA PHE E 131 -1.76 17.30 23.59
C PHE E 131 -1.37 16.58 24.87
N ALA E 132 -0.11 16.77 25.31
CA ALA E 132 0.35 16.14 26.54
C ALA E 132 -0.53 16.53 27.73
N ALA E 133 -0.96 17.79 27.78
CA ALA E 133 -1.81 18.24 28.88
C ALA E 133 -3.18 17.54 28.82
N LEU E 134 -3.76 17.45 27.63
CA LEU E 134 -5.04 16.75 27.49
C LEU E 134 -4.88 15.27 27.81
N LEU E 135 -3.74 14.68 27.45
CA LEU E 135 -3.49 13.27 27.77
C LEU E 135 -3.36 13.05 29.26
N ALA E 136 -2.82 14.03 29.99
CA ALA E 136 -2.65 13.87 31.43
C ALA E 136 -3.99 13.88 32.16
N GLN E 137 -4.81 14.91 31.92
CA GLN E 137 -6.12 15.02 32.55
C GLN E 137 -7.16 14.09 31.93
N SER E 138 -6.73 13.08 31.15
CA SER E 138 -7.63 12.12 30.54
C SER E 138 -7.60 10.75 31.20
N VAL E 139 -6.50 10.41 31.88
CA VAL E 139 -6.43 9.15 32.63
C VAL E 139 -7.46 9.09 33.74
N ASN E 140 -8.08 10.21 34.09
CA ASN E 140 -9.09 10.27 35.13
C ASN E 140 -10.50 10.06 34.59
N GLN E 141 -10.67 9.97 33.27
CA GLN E 141 -11.98 9.83 32.66
C GLN E 141 -12.26 8.43 32.14
N GLY E 142 -11.29 7.54 32.14
CA GLY E 142 -11.49 6.15 31.79
C GLY E 142 -10.84 5.79 30.47
N PHE E 143 -10.91 4.48 30.18
CA PHE E 143 -10.36 3.92 28.95
C PHE E 143 -10.92 4.61 27.72
N GLU E 144 -12.25 4.71 27.64
CA GLU E 144 -12.92 5.33 26.50
C GLU E 144 -12.31 6.69 26.14
N ALA E 145 -12.23 7.60 27.11
CA ALA E 145 -11.69 8.93 26.86
C ALA E 145 -10.28 8.86 26.30
N VAL E 146 -9.43 8.01 26.89
CA VAL E 146 -8.06 7.88 26.41
C VAL E 146 -8.04 7.22 25.04
N TYR E 147 -8.87 6.20 24.84
CA TYR E 147 -8.96 5.53 23.54
C TYR E 147 -9.36 6.51 22.45
N GLN E 148 -10.26 7.44 22.76
CA GLN E 148 -10.73 8.42 21.78
C GLN E 148 -9.73 9.54 21.54
N LEU E 149 -8.57 9.53 22.20
CA LEU E 149 -7.53 10.52 21.94
C LEU E 149 -6.72 10.21 20.69
N THR E 150 -7.09 9.19 19.93
CA THR E 150 -6.40 8.90 18.67
C THR E 150 -6.78 9.90 17.58
N ARG E 151 -8.02 10.40 17.59
CA ARG E 151 -8.41 11.43 16.64
C ARG E 151 -7.65 12.73 16.87
N MET E 152 -7.14 12.96 18.07
CA MET E 152 -6.28 14.11 18.31
C MET E 152 -4.98 14.01 17.55
N CYS E 153 -4.53 12.79 17.26
CA CYS E 153 -3.30 12.55 16.52
C CYS E 153 -3.50 12.49 15.01
N THR E 154 -4.73 12.63 14.53
CA THR E 154 -5.04 12.57 13.11
C THR E 154 -5.60 13.91 12.64
N ILE E 155 -5.12 14.36 11.48
CA ILE E 155 -5.47 15.66 10.92
C ILE E 155 -5.79 15.48 9.45
N ARG E 156 -6.89 16.08 9.01
CA ARG E 156 -7.38 15.94 7.64
C ARG E 156 -7.40 17.29 6.96
N MET E 157 -7.00 17.30 5.68
CA MET E 157 -6.97 18.53 4.90
C MET E 157 -7.65 18.30 3.56
N SER E 158 -8.25 19.37 3.03
CA SER E 158 -8.89 19.35 1.72
C SER E 158 -8.28 20.46 0.88
N PHE E 159 -8.04 20.17 -0.40
CA PHE E 159 -7.21 21.05 -1.21
C PHE E 159 -7.97 22.14 -1.95
N VAL E 160 -9.22 21.89 -2.36
CA VAL E 160 -9.96 22.90 -3.11
C VAL E 160 -11.36 23.08 -2.52
N LYS E 161 -12.05 21.96 -2.29
CA LYS E 161 -13.43 21.99 -1.84
C LYS E 161 -13.49 21.71 -0.34
N GLY E 162 -14.23 22.56 0.38
CA GLY E 162 -14.41 22.35 1.79
C GLY E 162 -15.61 21.45 2.10
N TRP E 163 -15.63 20.91 3.31
CA TRP E 163 -16.70 20.02 3.73
C TRP E 163 -17.12 20.38 5.15
N GLY E 164 -18.14 19.69 5.64
CA GLY E 164 -18.66 19.97 6.97
C GLY E 164 -19.68 21.09 6.94
N ALA E 165 -19.93 21.63 8.13
CA ALA E 165 -20.81 22.79 8.24
C ALA E 165 -20.24 23.93 7.41
N GLU E 166 -21.12 24.86 7.04
CA GLU E 166 -20.89 26.02 6.19
C GLU E 166 -20.77 25.63 4.71
N TYR E 167 -20.71 24.34 4.38
CA TYR E 167 -20.64 23.86 3.01
C TYR E 167 -21.71 22.80 2.78
N ARG E 168 -21.90 22.43 1.52
CA ARG E 168 -22.88 21.38 1.20
C ARG E 168 -22.33 19.99 1.48
N ARG E 169 -21.03 19.78 1.29
CA ARG E 169 -20.40 18.51 1.64
C ARG E 169 -20.32 18.38 3.15
N GLN E 170 -20.94 17.34 3.70
CA GLN E 170 -21.00 17.17 5.15
C GLN E 170 -19.94 16.22 5.68
N THR E 171 -19.33 15.40 4.84
CA THR E 171 -18.29 14.47 5.27
C THR E 171 -17.03 14.70 4.46
N VAL E 172 -15.88 14.39 5.08
CA VAL E 172 -14.60 14.55 4.39
C VAL E 172 -14.49 13.62 3.20
N THR E 173 -15.28 12.52 3.20
CA THR E 173 -15.30 11.62 2.06
C THR E 173 -16.03 12.20 0.86
N SER E 174 -16.62 13.38 0.99
CA SER E 174 -17.30 14.03 -0.13
C SER E 174 -16.38 14.95 -0.92
N THR E 175 -15.24 15.36 -0.36
CA THR E 175 -14.35 16.25 -1.07
C THR E 175 -13.55 15.47 -2.12
N PRO E 176 -13.29 16.08 -3.28
CA PRO E 176 -12.58 15.35 -4.33
C PRO E 176 -11.18 14.93 -3.95
N CYS E 177 -10.38 15.84 -3.37
CA CYS E 177 -8.98 15.57 -3.06
C CYS E 177 -8.73 15.95 -1.60
N TRP E 178 -8.41 14.95 -0.77
CA TRP E 178 -8.10 15.20 0.63
C TRP E 178 -7.11 14.16 1.12
N ILE E 179 -6.39 14.50 2.18
CA ILE E 179 -5.37 13.64 2.77
C ILE E 179 -5.65 13.49 4.26
N GLU E 180 -4.91 12.58 4.89
CA GLU E 180 -5.06 12.30 6.31
C GLU E 180 -3.68 12.05 6.91
N LEU E 181 -3.29 12.87 7.88
CA LEU E 181 -1.99 12.79 8.51
C LEU E 181 -2.04 11.97 9.79
N HIS E 182 -0.94 11.26 10.05
CA HIS E 182 -0.77 10.51 11.30
C HIS E 182 0.55 10.94 11.93
N LEU E 183 0.47 11.52 13.13
CA LEU E 183 1.64 12.02 13.83
C LEU E 183 2.21 10.89 14.70
N ASN E 184 3.35 10.34 14.27
CA ASN E 184 3.92 9.18 14.96
C ASN E 184 4.35 9.53 16.38
N GLY E 185 4.94 10.70 16.57
CA GLY E 185 5.37 11.16 17.88
C GLY E 185 4.28 11.11 18.93
N PRO E 186 3.24 11.92 18.76
CA PRO E 186 2.08 11.87 19.70
C PRO E 186 1.50 10.48 19.88
N LEU E 187 1.41 9.69 18.81
CA LEU E 187 0.85 8.34 18.93
C LEU E 187 1.64 7.48 19.91
N GLN E 188 2.97 7.61 19.89
CA GLN E 188 3.79 6.80 20.79
C GLN E 188 3.51 7.15 22.26
N TRP E 189 3.33 8.45 22.55
CA TRP E 189 2.97 8.85 23.91
C TRP E 189 1.64 8.25 24.32
N LEU E 190 0.67 8.23 23.41
CA LEU E 190 -0.64 7.65 23.72
C LEU E 190 -0.52 6.17 24.02
N ASP E 191 0.33 5.45 23.28
CA ASP E 191 0.51 4.02 23.51
C ASP E 191 1.07 3.75 24.90
N LYS E 192 2.03 4.57 25.35
CA LYS E 192 2.60 4.38 26.67
C LYS E 192 1.55 4.42 27.76
N VAL E 193 0.56 5.29 27.61
CA VAL E 193 -0.47 5.40 28.64
C VAL E 193 -1.54 4.33 28.44
N LEU E 194 -1.86 3.97 27.19
CA LEU E 194 -2.94 3.03 26.93
C LEU E 194 -2.60 1.63 27.45
N THR E 195 -1.37 1.17 27.23
CA THR E 195 -0.99 -0.18 27.64
C THR E 195 -1.16 -0.36 29.16
N GLN E 196 -0.80 0.67 29.93
CA GLN E 196 -0.90 0.59 31.38
C GLN E 196 -2.28 0.92 31.93
N MET E 197 -3.19 1.45 31.10
CA MET E 197 -4.54 1.76 31.58
C MET E 197 -5.40 0.52 31.77
N GLY E 198 -4.94 -0.64 31.33
CA GLY E 198 -5.71 -1.87 31.45
C GLY E 198 -6.92 -1.92 30.54
N PRO F 4 -3.18 5.40 38.41
CA PRO F 4 -2.31 4.28 38.79
C PRO F 4 -0.88 4.44 38.30
N ALA F 5 -0.26 3.34 37.88
CA ALA F 5 1.09 3.40 37.32
C ALA F 5 1.11 4.18 36.00
N ALA F 6 0.01 4.14 35.25
CA ALA F 6 -0.05 4.80 33.95
C ALA F 6 0.14 6.32 34.08
N VAL F 7 -0.46 6.92 35.11
CA VAL F 7 -0.40 8.37 35.26
C VAL F 7 1.05 8.84 35.39
N GLU F 8 1.92 8.01 35.98
CA GLU F 8 3.33 8.37 36.06
C GLU F 8 3.96 8.39 34.67
N ALA F 9 3.59 7.44 33.82
CA ALA F 9 4.07 7.47 32.44
C ALA F 9 3.62 8.74 31.73
N ALA F 10 2.34 9.09 31.89
CA ALA F 10 1.84 10.34 31.32
C ALA F 10 2.47 11.56 31.97
N ARG F 11 2.76 11.50 33.28
CA ARG F 11 3.45 12.62 33.93
C ARG F 11 4.85 12.79 33.37
N GLN F 12 5.51 11.67 33.05
CA GLN F 12 6.83 11.73 32.43
C GLN F 12 6.74 12.33 31.02
N ILE F 13 5.66 12.02 30.30
CA ILE F 13 5.47 12.58 28.96
C ILE F 13 5.36 14.10 29.04
N GLU F 14 4.63 14.61 30.03
CA GLU F 14 4.47 16.05 30.17
C GLU F 14 5.80 16.75 30.41
N ARG F 15 6.68 16.14 31.20
CA ARG F 15 8.01 16.69 31.38
C ARG F 15 8.81 16.64 30.09
N GLU F 16 8.68 15.54 29.33
CA GLU F 16 9.37 15.43 28.05
C GLU F 16 8.88 16.46 27.05
N ALA F 17 7.56 16.68 26.99
CA ALA F 17 7.00 17.64 26.06
C ALA F 17 7.43 19.06 26.40
N GLN F 18 7.55 19.38 27.69
CA GLN F 18 8.03 20.70 28.10
C GLN F 18 9.49 20.91 27.67
N GLN F 19 10.28 19.85 27.66
CA GLN F 19 11.69 19.94 27.29
C GLN F 19 11.90 20.42 25.85
N GLN F 20 10.97 20.13 24.94
CA GLN F 20 11.20 20.43 23.53
C GLN F 20 11.47 21.91 23.29
N GLN F 21 10.77 22.79 24.00
CA GLN F 21 11.00 24.22 23.83
C GLN F 21 12.32 24.65 24.47
#